data_3O1D
#
_entry.id   3O1D
#
_cell.length_a   66.108
_cell.length_b   66.108
_cell.length_c   264.640
_cell.angle_alpha   90.00
_cell.angle_beta   90.00
_cell.angle_gamma   120.00
#
_symmetry.space_group_name_H-M   'P 65 2 2'
#
loop_
_entity.id
_entity.type
_entity.pdbx_description
1 polymer 'Vitamin D3 receptor A'
2 polymer 'Nuclear receptor coactivator 2'
3 non-polymer (1R,3R,7E,17beta)-17-[(1S)-6,6,6-trifluoro-5-hydroxy-1-(4-hydroxy-4-methylpentyl)-5-(trifluoromethyl)hex-3-yn-1-yl]-9,10-secoestra-5,7-diene-1,3-diol
4 water water
#
loop_
_entity_poly.entity_id
_entity_poly.type
_entity_poly.pdbx_seq_one_letter_code
_entity_poly.pdbx_strand_id
1 'polypeptide(L)'
;GSHMLSDEQMQIINSLVEAHHKTYDDSYSDFVRFRPPVREGPVTRSASRAASLHSLSDASSDSFNHSPESVDTKLNFSNL
LMMYQDSGSPDSSEEDQQSRLSMLPHLADLVSYSIQKVIGFAKMIPGFRDLTAEDQIALLKSSAIEIIMLRSNQSFSLED
MSWSCGGPDFKYCINDVTKAGHTLELLEPLVKFQVGLKKLKLHEEEHVLLMAICLLSPDRPGVQDHVRIEALQDRLCDVL
QAYIRIQHPGGRLLYAKMIQKLADLRSLNEEHSKQYRSLSFQPEHSMQLTPLVLEVFGSEVS
;
A
2 'polypeptide(L)' KHKILHRLLQDSS B
#
# COMPACT_ATOMS: atom_id res chain seq x y z
N HIS A 3 4.88 30.08 11.23
CA HIS A 3 4.57 28.67 11.03
C HIS A 3 3.17 28.49 10.44
N MET A 4 3.11 28.53 9.12
CA MET A 4 1.87 28.50 8.36
C MET A 4 2.18 27.91 7.00
N LEU A 5 1.39 26.92 6.57
CA LEU A 5 1.67 26.18 5.35
C LEU A 5 1.71 27.07 4.11
N SER A 6 2.62 26.76 3.20
CA SER A 6 2.77 27.54 1.96
C SER A 6 1.68 27.16 0.96
N ASP A 7 1.34 28.10 0.08
CA ASP A 7 0.32 27.87 -0.93
C ASP A 7 0.74 26.78 -1.91
N GLU A 8 1.92 26.21 -1.67
CA GLU A 8 2.40 25.09 -2.49
C GLU A 8 2.29 23.78 -1.71
N GLN A 9 2.50 23.87 -0.40
CA GLN A 9 2.39 22.71 0.47
C GLN A 9 0.94 22.22 0.59
N MET A 10 0.00 23.16 0.54
CA MET A 10 -1.40 22.82 0.65
C MET A 10 -1.95 22.30 -0.67
N GLN A 11 -1.36 22.75 -1.77
CA GLN A 11 -1.72 22.24 -3.10
C GLN A 11 -1.29 20.78 -3.24
N ILE A 12 -0.14 20.46 -2.66
CA ILE A 12 0.32 19.09 -2.62
C ILE A 12 -0.64 18.24 -1.80
N ILE A 13 -1.07 18.78 -0.65
CA ILE A 13 -2.04 18.11 0.20
C ILE A 13 -3.39 17.94 -0.50
N ASN A 14 -3.87 19.00 -1.14
CA ASN A 14 -5.09 18.91 -1.93
C ASN A 14 -5.03 17.76 -2.93
N SER A 15 -3.92 17.67 -3.65
CA SER A 15 -3.75 16.66 -4.69
C SER A 15 -3.79 15.23 -4.15
N LEU A 16 -2.98 14.95 -3.14
CA LEU A 16 -2.87 13.60 -2.59
C LEU A 16 -4.18 13.13 -1.97
N VAL A 17 -4.91 14.06 -1.36
CA VAL A 17 -6.18 13.74 -0.71
C VAL A 17 -7.28 13.43 -1.73
N GLU A 18 -7.32 14.20 -2.80
CA GLU A 18 -8.27 13.97 -3.88
C GLU A 18 -7.92 12.66 -4.62
N ALA A 19 -6.62 12.44 -4.78
CA ALA A 19 -6.14 11.22 -5.42
C ALA A 19 -6.64 10.01 -4.66
N HIS A 20 -6.51 10.06 -3.34
CA HIS A 20 -6.95 8.96 -2.48
C HIS A 20 -8.45 8.75 -2.58
N HIS A 21 -9.20 9.85 -2.60
CA HIS A 21 -10.65 9.79 -2.71
C HIS A 21 -11.08 9.19 -4.04
N LYS A 22 -10.26 9.40 -5.06
CA LYS A 22 -10.56 8.93 -6.41
C LYS A 22 -10.25 7.45 -6.55
N THR A 23 -9.36 6.95 -5.70
CA THR A 23 -8.89 5.58 -5.82
C THR A 23 -9.21 4.73 -4.60
N TYR A 24 -10.06 5.24 -3.71
CA TYR A 24 -10.47 4.47 -2.55
C TYR A 24 -11.95 4.62 -2.20
N ASP A 25 -12.69 3.52 -2.37
CA ASP A 25 -14.13 3.50 -2.12
C ASP A 25 -14.43 2.95 -0.73
N ASP A 26 -15.09 3.76 0.09
CA ASP A 26 -15.39 3.35 1.46
C ASP A 26 -16.60 2.43 1.58
N SER A 27 -17.24 2.15 0.45
CA SER A 27 -18.36 1.21 0.46
C SER A 27 -17.89 -0.18 0.05
N TYR A 28 -16.77 -0.23 -0.67
CA TYR A 28 -16.20 -1.49 -1.11
C TYR A 28 -17.17 -2.27 -1.98
N SER A 29 -17.76 -1.58 -2.96
CA SER A 29 -18.82 -2.18 -3.78
C SER A 29 -18.31 -2.96 -5.00
N ASP A 30 -17.02 -2.84 -5.29
CA ASP A 30 -16.44 -3.58 -6.41
C ASP A 30 -16.07 -5.00 -5.99
N PHE A 31 -16.07 -5.23 -4.67
CA PHE A 31 -15.66 -6.52 -4.13
C PHE A 31 -16.56 -7.66 -4.60
N VAL A 32 -17.78 -7.32 -5.00
CA VAL A 32 -18.71 -8.34 -5.50
C VAL A 32 -18.26 -8.90 -6.85
N ARG A 33 -17.30 -8.22 -7.48
CA ARG A 33 -16.81 -8.66 -8.78
C ARG A 33 -15.61 -9.61 -8.66
N PHE A 34 -15.09 -9.75 -7.45
CA PHE A 34 -13.97 -10.65 -7.21
C PHE A 34 -14.49 -12.08 -7.17
N ARG A 35 -13.61 -13.04 -7.44
CA ARG A 35 -13.91 -14.44 -7.18
C ARG A 35 -14.28 -14.54 -5.70
N PRO A 36 -15.45 -15.12 -5.41
CA PRO A 36 -16.00 -15.09 -4.05
C PRO A 36 -15.11 -15.76 -3.02
N PRO A 37 -15.23 -15.35 -1.75
CA PRO A 37 -14.46 -15.94 -0.66
C PRO A 37 -14.99 -17.33 -0.33
N VAL A 38 -14.09 -18.24 0.05
CA VAL A 38 -14.50 -19.53 0.58
C VAL A 38 -13.77 -19.78 1.89
N ARG A 39 -14.52 -19.81 2.98
CA ARG A 39 -13.94 -20.04 4.30
C ARG A 39 -14.42 -21.38 4.88
N ARG A 100 -8.27 -26.42 0.24
CA ARG A 100 -6.86 -26.21 -0.08
C ARG A 100 -6.61 -24.79 -0.61
N LEU A 101 -6.32 -23.88 0.32
CA LEU A 101 -6.09 -22.47 -0.01
C LEU A 101 -7.33 -21.85 -0.64
N SER A 102 -8.45 -21.93 0.08
CA SER A 102 -9.74 -21.51 -0.43
C SER A 102 -9.92 -20.00 -0.58
N MET A 103 -9.17 -19.22 0.20
CA MET A 103 -9.27 -17.76 0.12
C MET A 103 -8.31 -17.17 -0.91
N LEU A 104 -7.46 -18.00 -1.50
CA LEU A 104 -6.47 -17.49 -2.44
C LEU A 104 -7.10 -16.74 -3.62
N PRO A 105 -8.12 -17.34 -4.27
CA PRO A 105 -8.74 -16.61 -5.37
C PRO A 105 -9.26 -15.24 -4.95
N HIS A 106 -9.97 -15.15 -3.82
CA HIS A 106 -10.57 -13.88 -3.40
C HIS A 106 -9.51 -12.85 -3.08
N LEU A 107 -8.53 -13.23 -2.27
CA LEU A 107 -7.50 -12.32 -1.83
C LEU A 107 -6.56 -11.89 -2.96
N ALA A 108 -6.34 -12.78 -3.93
CA ALA A 108 -5.57 -12.44 -5.12
C ALA A 108 -6.32 -11.38 -5.92
N ASP A 109 -7.63 -11.52 -6.03
CA ASP A 109 -8.46 -10.53 -6.71
C ASP A 109 -8.44 -9.20 -5.97
N LEU A 110 -8.58 -9.27 -4.65
CA LEU A 110 -8.52 -8.07 -3.82
C LEU A 110 -7.21 -7.33 -4.04
N VAL A 111 -6.11 -8.06 -3.92
CA VAL A 111 -4.78 -7.48 -4.05
C VAL A 111 -4.51 -6.92 -5.45
N SER A 112 -4.98 -7.65 -6.46
CA SER A 112 -4.84 -7.21 -7.85
C SER A 112 -5.57 -5.89 -8.06
N TYR A 113 -6.81 -5.84 -7.57
CA TYR A 113 -7.64 -4.66 -7.62
C TYR A 113 -6.96 -3.51 -6.88
N SER A 114 -6.51 -3.78 -5.67
CA SER A 114 -5.82 -2.77 -4.85
C SER A 114 -4.58 -2.22 -5.54
N ILE A 115 -3.86 -3.08 -6.26
CA ILE A 115 -2.69 -2.65 -7.01
C ILE A 115 -3.09 -1.65 -8.08
N GLN A 116 -4.14 -1.96 -8.82
CA GLN A 116 -4.69 -1.05 -9.81
C GLN A 116 -4.96 0.32 -9.17
N LYS A 117 -5.57 0.29 -7.99
CA LYS A 117 -5.88 1.51 -7.26
C LYS A 117 -4.63 2.25 -6.82
N VAL A 118 -3.63 1.52 -6.37
CA VAL A 118 -2.38 2.11 -5.94
C VAL A 118 -1.68 2.79 -7.12
N ILE A 119 -1.81 2.21 -8.30
CA ILE A 119 -1.23 2.78 -9.50
C ILE A 119 -1.92 4.09 -9.86
N GLY A 120 -3.24 4.12 -9.69
CA GLY A 120 -4.02 5.30 -9.98
C GLY A 120 -3.62 6.44 -9.04
N PHE A 121 -3.39 6.08 -7.79
CA PHE A 121 -2.96 7.04 -6.78
C PHE A 121 -1.56 7.55 -7.08
N ALA A 122 -0.62 6.62 -7.23
CA ALA A 122 0.77 6.95 -7.52
C ALA A 122 0.92 7.96 -8.66
N LYS A 123 0.16 7.75 -9.73
CA LYS A 123 0.21 8.61 -10.91
C LYS A 123 -0.22 10.05 -10.60
N MET A 124 -0.87 10.24 -9.45
CA MET A 124 -1.36 11.57 -9.08
C MET A 124 -0.51 12.23 -8.01
N ILE A 125 0.47 11.48 -7.50
CA ILE A 125 1.48 12.04 -6.62
C ILE A 125 2.31 13.03 -7.41
N PRO A 126 2.33 14.30 -6.97
CA PRO A 126 3.13 15.34 -7.59
C PRO A 126 4.55 14.89 -7.89
N GLY A 127 4.91 14.87 -9.16
CA GLY A 127 6.27 14.55 -9.57
C GLY A 127 6.47 13.11 -10.01
N PHE A 128 5.51 12.26 -9.69
CA PHE A 128 5.62 10.84 -10.04
C PHE A 128 5.56 10.62 -11.54
N ARG A 129 4.65 11.34 -12.21
CA ARG A 129 4.50 11.21 -13.66
C ARG A 129 5.74 11.60 -14.43
N ASP A 130 6.64 12.34 -13.78
CA ASP A 130 7.82 12.86 -14.45
C ASP A 130 9.03 11.93 -14.37
N LEU A 131 8.94 10.91 -13.51
CA LEU A 131 10.00 9.91 -13.42
C LEU A 131 10.02 9.09 -14.69
N THR A 132 11.13 8.39 -14.94
CA THR A 132 11.18 7.47 -16.06
C THR A 132 10.22 6.33 -15.80
N ALA A 133 9.64 5.76 -16.85
CA ALA A 133 8.69 4.67 -16.69
C ALA A 133 9.29 3.54 -15.87
N GLU A 134 10.60 3.36 -16.00
CA GLU A 134 11.32 2.35 -15.24
C GLU A 134 11.27 2.66 -13.75
N ASP A 135 11.58 3.90 -13.39
CA ASP A 135 11.54 4.31 -11.99
C ASP A 135 10.14 4.15 -11.41
N GLN A 136 9.13 4.59 -12.17
CA GLN A 136 7.74 4.44 -11.77
C GLN A 136 7.44 2.96 -11.48
N ILE A 137 7.89 2.10 -12.38
CA ILE A 137 7.71 0.67 -12.23
C ILE A 137 8.51 0.11 -11.05
N ALA A 138 9.78 0.49 -10.98
CA ALA A 138 10.66 0.06 -9.89
C ALA A 138 10.07 0.40 -8.52
N LEU A 139 9.42 1.55 -8.44
CA LEU A 139 8.84 2.02 -7.18
C LEU A 139 7.54 1.30 -6.87
N LEU A 140 6.66 1.20 -7.86
CA LEU A 140 5.39 0.52 -7.70
C LEU A 140 5.61 -0.92 -7.25
N LYS A 141 6.49 -1.63 -7.96
CA LYS A 141 6.74 -3.03 -7.66
C LYS A 141 7.24 -3.24 -6.23
N SER A 142 8.19 -2.41 -5.80
CA SER A 142 8.79 -2.55 -4.48
C SER A 142 7.84 -2.16 -3.36
N SER A 143 6.99 -1.16 -3.61
CA SER A 143 6.16 -0.57 -2.56
C SER A 143 4.70 -1.01 -2.57
N ALA A 144 4.28 -1.64 -3.67
CA ALA A 144 2.88 -2.02 -3.85
C ALA A 144 2.25 -2.64 -2.60
N ILE A 145 2.88 -3.70 -2.08
CA ILE A 145 2.33 -4.42 -0.94
C ILE A 145 2.28 -3.55 0.32
N GLU A 146 3.21 -2.60 0.43
CA GLU A 146 3.25 -1.70 1.57
C GLU A 146 2.15 -0.65 1.49
N ILE A 147 1.97 -0.05 0.31
CA ILE A 147 0.90 0.91 0.10
C ILE A 147 -0.44 0.22 0.39
N ILE A 148 -0.52 -1.05 0.01
CA ILE A 148 -1.73 -1.83 0.22
C ILE A 148 -1.96 -2.05 1.70
N MET A 149 -0.90 -2.39 2.42
CA MET A 149 -0.99 -2.58 3.86
C MET A 149 -1.39 -1.29 4.57
N LEU A 150 -0.88 -0.17 4.08
CA LEU A 150 -1.18 1.14 4.63
C LEU A 150 -2.64 1.54 4.38
N ARG A 151 -3.08 1.44 3.13
CA ARG A 151 -4.42 1.88 2.77
C ARG A 151 -5.50 1.01 3.39
N SER A 152 -5.17 -0.26 3.68
CA SER A 152 -6.13 -1.17 4.28
C SER A 152 -6.50 -0.78 5.71
N ASN A 153 -5.64 0.00 6.36
CA ASN A 153 -5.89 0.44 7.72
C ASN A 153 -7.24 1.12 7.82
N GLN A 154 -7.69 1.65 6.69
CA GLN A 154 -8.95 2.39 6.62
C GLN A 154 -10.13 1.46 6.85
N SER A 155 -9.97 0.21 6.48
CA SER A 155 -11.02 -0.78 6.67
C SER A 155 -10.78 -1.59 7.93
N PHE A 156 -9.53 -1.63 8.37
CA PHE A 156 -9.17 -2.37 9.57
C PHE A 156 -9.93 -1.85 10.79
N SER A 157 -10.26 -2.76 11.71
CA SER A 157 -11.06 -2.41 12.88
C SER A 157 -10.44 -2.94 14.16
N LEU A 158 -10.21 -2.06 15.13
CA LEU A 158 -9.65 -2.46 16.41
C LEU A 158 -10.62 -3.33 17.20
N GLU A 159 -11.91 -3.01 17.08
CA GLU A 159 -12.95 -3.76 17.79
C GLU A 159 -12.84 -5.27 17.52
N ASP A 160 -12.66 -5.65 16.26
CA ASP A 160 -12.61 -7.06 15.92
C ASP A 160 -11.30 -7.54 15.29
N MET A 161 -10.32 -6.64 15.19
CA MET A 161 -8.98 -7.01 14.74
C MET A 161 -8.98 -7.62 13.35
N SER A 162 -9.96 -7.23 12.54
CA SER A 162 -10.06 -7.69 11.16
C SER A 162 -10.25 -6.49 10.24
N TRP A 163 -10.05 -6.72 8.94
CA TRP A 163 -10.44 -5.74 7.94
C TRP A 163 -11.92 -5.93 7.65
N SER A 164 -12.70 -4.86 7.80
CA SER A 164 -14.15 -4.96 7.60
C SER A 164 -14.62 -4.20 6.37
N CYS A 165 -14.82 -4.95 5.28
CA CYS A 165 -15.16 -4.36 4.00
C CYS A 165 -16.61 -4.63 3.63
N GLY A 166 -17.41 -5.01 4.62
CA GLY A 166 -18.84 -5.20 4.41
C GLY A 166 -19.33 -6.62 4.60
N GLY A 167 -20.38 -6.77 5.40
CA GLY A 167 -21.08 -8.02 5.59
C GLY A 167 -20.21 -9.21 5.97
N PRO A 168 -20.88 -10.36 6.20
CA PRO A 168 -20.20 -11.62 6.54
C PRO A 168 -19.07 -11.96 5.57
N ASP A 169 -19.33 -11.74 4.28
CA ASP A 169 -18.43 -12.16 3.21
C ASP A 169 -17.10 -11.40 3.16
N PHE A 170 -17.12 -10.11 3.46
CA PHE A 170 -15.93 -9.29 3.22
C PHE A 170 -15.27 -8.80 4.50
N LYS A 171 -15.55 -9.48 5.60
CA LYS A 171 -14.85 -9.26 6.86
C LYS A 171 -13.69 -10.23 6.97
N TYR A 172 -12.49 -9.74 6.68
CA TYR A 172 -11.30 -10.59 6.64
C TYR A 172 -10.58 -10.61 7.98
N CYS A 173 -10.41 -11.81 8.54
CA CYS A 173 -9.67 -11.98 9.78
C CYS A 173 -8.39 -12.77 9.54
N ILE A 174 -7.58 -12.91 10.58
CA ILE A 174 -6.30 -13.60 10.45
C ILE A 174 -6.48 -14.98 9.83
N ASN A 175 -7.52 -15.69 10.26
CA ASN A 175 -7.76 -17.04 9.77
C ASN A 175 -7.99 -17.11 8.26
N ASP A 176 -8.69 -16.11 7.72
CA ASP A 176 -8.99 -16.07 6.29
C ASP A 176 -7.71 -16.02 5.45
N VAL A 177 -6.75 -15.23 5.90
CA VAL A 177 -5.51 -15.04 5.15
C VAL A 177 -4.66 -16.31 5.14
N THR A 178 -4.79 -17.11 6.19
CA THR A 178 -4.07 -18.38 6.24
C THR A 178 -4.65 -19.35 5.21
N LYS A 179 -5.94 -19.20 4.92
CA LYS A 179 -6.56 -19.99 3.87
C LYS A 179 -6.10 -19.51 2.49
N ALA A 180 -5.11 -18.63 2.47
CA ALA A 180 -4.58 -18.10 1.21
C ALA A 180 -3.08 -18.38 1.07
N GLY A 181 -2.57 -19.30 1.89
CA GLY A 181 -1.19 -19.72 1.79
C GLY A 181 -0.22 -18.96 2.67
N HIS A 182 -0.74 -18.36 3.73
CA HIS A 182 0.09 -17.64 4.69
C HIS A 182 0.04 -18.29 6.06
N THR A 183 1.12 -18.16 6.82
CA THR A 183 1.20 -18.76 8.15
C THR A 183 0.60 -17.86 9.22
N LEU A 184 -0.09 -18.48 10.18
CA LEU A 184 -0.62 -17.75 11.33
C LEU A 184 0.51 -16.95 11.94
N GLU A 185 1.71 -17.52 11.91
CA GLU A 185 2.91 -16.91 12.46
C GLU A 185 3.24 -15.61 11.74
N LEU A 186 3.27 -15.66 10.41
CA LEU A 186 3.69 -14.50 9.63
C LEU A 186 2.68 -13.36 9.67
N LEU A 187 1.46 -13.66 10.12
CA LEU A 187 0.39 -12.67 10.13
C LEU A 187 0.41 -11.79 11.37
N GLU A 188 1.01 -12.28 12.45
CA GLU A 188 1.06 -11.55 13.71
C GLU A 188 1.48 -10.08 13.51
N PRO A 189 2.65 -9.85 12.89
CA PRO A 189 3.14 -8.48 12.71
C PRO A 189 2.18 -7.58 11.95
N LEU A 190 1.53 -8.10 10.91
CA LEU A 190 0.61 -7.31 10.11
C LEU A 190 -0.50 -6.72 10.98
N VAL A 191 -1.11 -7.58 11.80
CA VAL A 191 -2.15 -7.13 12.73
C VAL A 191 -1.58 -6.12 13.72
N LYS A 192 -0.44 -6.44 14.31
CA LYS A 192 0.23 -5.53 15.24
C LYS A 192 0.47 -4.18 14.57
N PHE A 193 0.93 -4.23 13.32
CA PHE A 193 1.20 -3.00 12.56
C PHE A 193 -0.07 -2.20 12.33
N GLN A 194 -1.16 -2.89 12.01
CA GLN A 194 -2.44 -2.23 11.77
C GLN A 194 -2.97 -1.59 13.05
N VAL A 195 -2.71 -2.24 14.19
CA VAL A 195 -3.15 -1.74 15.48
C VAL A 195 -2.37 -0.50 15.89
N GLY A 196 -1.06 -0.51 15.63
CA GLY A 196 -0.21 0.64 15.92
C GLY A 196 -0.56 1.81 15.02
N LEU A 197 -0.74 1.52 13.74
CA LEU A 197 -1.07 2.55 12.77
C LEU A 197 -2.44 3.14 13.06
N LYS A 198 -3.38 2.30 13.45
CA LYS A 198 -4.73 2.75 13.78
C LYS A 198 -4.70 3.62 15.04
N LYS A 199 -3.86 3.23 15.98
CA LYS A 199 -3.74 3.97 17.24
C LYS A 199 -3.23 5.39 17.05
N LEU A 200 -2.52 5.64 15.96
CA LEU A 200 -2.00 6.97 15.65
C LEU A 200 -3.14 7.91 15.28
N LYS A 201 -4.30 7.35 14.93
CA LYS A 201 -5.45 8.14 14.52
C LYS A 201 -5.08 9.25 13.55
N LEU A 202 -4.42 8.88 12.45
CA LEU A 202 -3.94 9.86 11.48
C LEU A 202 -5.07 10.69 10.86
N HIS A 203 -4.79 11.97 10.65
CA HIS A 203 -5.63 12.80 9.80
C HIS A 203 -5.53 12.19 8.40
N GLU A 204 -6.56 12.41 7.59
CA GLU A 204 -6.56 11.94 6.22
C GLU A 204 -5.35 12.51 5.48
N GLU A 205 -5.02 13.76 5.78
CA GLU A 205 -3.87 14.43 5.19
C GLU A 205 -2.58 13.66 5.48
N GLU A 206 -2.46 13.13 6.70
CA GLU A 206 -1.27 12.42 7.13
C GLU A 206 -1.20 11.02 6.52
N HIS A 207 -2.33 10.32 6.61
CA HIS A 207 -2.46 8.99 6.04
C HIS A 207 -2.05 8.99 4.58
N VAL A 208 -2.66 9.92 3.85
CA VAL A 208 -2.44 10.08 2.42
C VAL A 208 -1.02 10.52 2.13
N LEU A 209 -0.45 11.34 3.00
CA LEU A 209 0.94 11.76 2.89
C LEU A 209 1.90 10.60 3.15
N LEU A 210 1.57 9.77 4.13
CA LEU A 210 2.40 8.63 4.51
C LEU A 210 2.48 7.63 3.37
N MET A 211 1.37 7.46 2.65
CA MET A 211 1.34 6.56 1.50
C MET A 211 2.25 7.07 0.39
N ALA A 212 2.20 8.37 0.13
CA ALA A 212 3.00 8.97 -0.93
C ALA A 212 4.49 8.92 -0.61
N ILE A 213 4.83 9.17 0.65
CA ILE A 213 6.22 9.12 1.08
C ILE A 213 6.77 7.71 0.94
N CYS A 214 5.98 6.72 1.38
CA CYS A 214 6.35 5.32 1.26
C CYS A 214 6.67 4.96 -0.18
N LEU A 215 5.82 5.39 -1.10
CA LEU A 215 5.97 5.05 -2.52
C LEU A 215 7.25 5.64 -3.11
N LEU A 216 7.66 6.80 -2.59
CA LEU A 216 8.83 7.49 -3.14
C LEU A 216 10.11 7.23 -2.34
N SER A 217 10.12 6.13 -1.59
CA SER A 217 11.33 5.68 -0.94
C SER A 217 12.41 5.44 -1.99
N PRO A 218 13.58 6.05 -1.81
CA PRO A 218 14.68 5.94 -2.78
C PRO A 218 15.41 4.59 -2.65
N ASP A 219 15.35 4.01 -1.46
CA ASP A 219 16.03 2.75 -1.17
C ASP A 219 15.21 1.55 -1.63
N ARG A 220 15.02 1.43 -2.94
CA ARG A 220 14.25 0.34 -3.52
C ARG A 220 15.09 -0.35 -4.60
N PRO A 221 15.06 -1.68 -4.63
CA PRO A 221 15.80 -2.34 -5.72
C PRO A 221 15.30 -1.84 -7.06
N GLY A 222 16.21 -1.46 -7.95
CA GLY A 222 15.84 -1.10 -9.30
C GLY A 222 15.77 0.38 -9.62
N VAL A 223 15.70 1.24 -8.60
CA VAL A 223 15.61 2.68 -8.88
C VAL A 223 16.89 3.18 -9.56
N GLN A 224 16.72 4.05 -10.55
CA GLN A 224 17.86 4.65 -11.23
C GLN A 224 18.16 6.03 -10.67
N ASP A 225 17.23 6.95 -10.88
CA ASP A 225 17.40 8.33 -10.45
C ASP A 225 17.03 8.53 -8.98
N HIS A 226 17.82 7.92 -8.09
CA HIS A 226 17.53 7.96 -6.67
C HIS A 226 17.89 9.30 -6.03
N VAL A 227 18.49 10.18 -6.82
CA VAL A 227 18.71 11.55 -6.34
C VAL A 227 17.42 12.33 -6.46
N ARG A 228 16.62 11.99 -7.47
CA ARG A 228 15.37 12.72 -7.71
C ARG A 228 14.19 12.18 -6.92
N ILE A 229 14.16 10.88 -6.66
CA ILE A 229 13.10 10.33 -5.81
C ILE A 229 13.30 10.82 -4.38
N GLU A 230 14.57 10.96 -3.99
CA GLU A 230 14.91 11.46 -2.66
C GLU A 230 14.42 12.90 -2.49
N ALA A 231 14.47 13.66 -3.57
CA ALA A 231 14.03 15.06 -3.56
C ALA A 231 12.52 15.16 -3.41
N LEU A 232 11.78 14.37 -4.18
CA LEU A 232 10.33 14.37 -4.12
C LEU A 232 9.86 13.92 -2.74
N GLN A 233 10.56 12.94 -2.17
CA GLN A 233 10.16 12.38 -0.88
C GLN A 233 10.46 13.35 0.26
N ASP A 234 11.56 14.08 0.15
CA ASP A 234 11.92 15.05 1.18
C ASP A 234 10.89 16.18 1.21
N ARG A 235 10.55 16.70 0.03
CA ARG A 235 9.50 17.70 -0.08
C ARG A 235 8.22 17.21 0.58
N LEU A 236 7.91 15.94 0.35
CA LEU A 236 6.72 15.32 0.95
C LEU A 236 6.87 15.23 2.47
N CYS A 237 8.03 14.79 2.93
CA CYS A 237 8.30 14.69 4.36
C CYS A 237 8.17 16.05 5.05
N ASP A 238 8.62 17.10 4.37
CA ASP A 238 8.52 18.45 4.88
C ASP A 238 7.07 18.84 5.04
N VAL A 239 6.28 18.63 3.98
CA VAL A 239 4.85 18.92 4.01
C VAL A 239 4.18 18.28 5.23
N LEU A 240 4.51 17.01 5.47
CA LEU A 240 3.92 16.25 6.58
C LEU A 240 4.34 16.78 7.94
N GLN A 241 5.62 17.10 8.08
CA GLN A 241 6.13 17.63 9.34
C GLN A 241 5.48 18.97 9.63
N ALA A 242 5.36 19.80 8.60
CA ALA A 242 4.72 21.09 8.75
C ALA A 242 3.24 20.89 9.07
N TYR A 243 2.58 20.03 8.32
CA TYR A 243 1.16 19.83 8.54
C TYR A 243 0.87 19.39 9.97
N ILE A 244 1.66 18.45 10.47
CA ILE A 244 1.47 17.96 11.83
C ILE A 244 1.67 19.06 12.86
N ARG A 245 2.76 19.80 12.72
CA ARG A 245 3.09 20.86 13.65
C ARG A 245 2.00 21.92 13.70
N ILE A 246 1.50 22.29 12.52
CA ILE A 246 0.56 23.39 12.39
C ILE A 246 -0.90 22.97 12.62
N GLN A 247 -1.30 21.82 12.11
CA GLN A 247 -2.70 21.43 12.11
C GLN A 247 -3.09 20.31 13.08
N HIS A 248 -2.10 19.67 13.70
CA HIS A 248 -2.38 18.50 14.54
C HIS A 248 -2.03 18.71 16.00
N PRO A 249 -2.95 19.30 16.77
CA PRO A 249 -2.70 19.48 18.21
C PRO A 249 -2.39 18.14 18.89
N GLY A 250 -1.44 18.15 19.81
CA GLY A 250 -1.04 16.95 20.53
C GLY A 250 -0.17 16.03 19.69
N GLY A 251 0.34 16.55 18.57
CA GLY A 251 1.09 15.73 17.64
C GLY A 251 2.59 15.93 17.66
N ARG A 252 3.12 16.42 18.78
CA ARG A 252 4.55 16.68 18.87
C ARG A 252 5.45 15.51 18.48
N LEU A 253 5.10 14.30 18.90
CA LEU A 253 5.95 13.12 18.63
C LEU A 253 5.40 12.18 17.54
N LEU A 254 4.36 12.62 16.84
CA LEU A 254 3.69 11.79 15.84
C LEU A 254 4.54 11.47 14.60
N TYR A 255 5.17 12.49 14.03
CA TYR A 255 5.94 12.33 12.81
C TYR A 255 6.89 11.15 12.88
N ALA A 256 7.69 11.11 13.95
CA ALA A 256 8.69 10.06 14.12
C ALA A 256 8.07 8.68 14.23
N LYS A 257 6.88 8.60 14.84
CA LYS A 257 6.17 7.34 14.94
C LYS A 257 5.74 6.88 13.55
N MET A 258 5.46 7.85 12.68
CA MET A 258 5.06 7.56 11.31
C MET A 258 6.23 7.03 10.48
N ILE A 259 7.40 7.62 10.67
CA ILE A 259 8.60 7.17 9.97
C ILE A 259 8.94 5.77 10.44
N GLN A 260 8.73 5.52 11.73
CA GLN A 260 8.94 4.19 12.30
C GLN A 260 8.06 3.16 11.58
N LYS A 261 6.88 3.60 11.14
CA LYS A 261 5.95 2.71 10.46
C LYS A 261 6.49 2.27 9.11
N LEU A 262 7.19 3.19 8.43
CA LEU A 262 7.83 2.86 7.16
C LEU A 262 8.85 1.75 7.38
N ALA A 263 9.56 1.81 8.49
CA ALA A 263 10.51 0.77 8.86
C ALA A 263 9.82 -0.57 9.03
N ASP A 264 8.66 -0.54 9.67
CA ASP A 264 7.86 -1.75 9.88
C ASP A 264 7.38 -2.31 8.54
N LEU A 265 7.06 -1.42 7.60
CA LEU A 265 6.60 -1.84 6.29
C LEU A 265 7.66 -2.64 5.54
N ARG A 266 8.92 -2.21 5.66
CA ARG A 266 10.02 -2.86 4.97
C ARG A 266 10.15 -4.33 5.35
N SER A 267 10.07 -4.60 6.66
CA SER A 267 10.17 -5.97 7.15
CA SER A 267 10.16 -5.97 7.15
C SER A 267 8.93 -6.79 6.73
N LEU A 268 7.77 -6.16 6.79
CA LEU A 268 6.54 -6.82 6.37
C LEU A 268 6.58 -7.14 4.89
N ASN A 269 7.16 -6.23 4.11
CA ASN A 269 7.36 -6.42 2.69
C ASN A 269 8.31 -7.59 2.45
N GLU A 270 9.36 -7.65 3.26
CA GLU A 270 10.36 -8.71 3.16
C GLU A 270 9.73 -10.08 3.38
N GLU A 271 9.06 -10.26 4.51
CA GLU A 271 8.42 -11.52 4.83
C GLU A 271 7.41 -11.95 3.77
N HIS A 272 6.58 -11.00 3.32
CA HIS A 272 5.59 -11.31 2.29
C HIS A 272 6.26 -11.81 1.02
N SER A 273 7.35 -11.15 0.62
CA SER A 273 8.06 -11.52 -0.59
C SER A 273 8.49 -12.98 -0.52
N LYS A 274 8.92 -13.40 0.67
CA LYS A 274 9.31 -14.79 0.88
C LYS A 274 8.11 -15.72 0.75
N GLN A 275 7.05 -15.42 1.52
CA GLN A 275 5.82 -16.20 1.45
C GLN A 275 5.36 -16.29 0.02
N TYR A 276 5.39 -15.17 -0.69
CA TYR A 276 4.89 -15.11 -2.05
C TYR A 276 5.70 -15.97 -3.00
N ARG A 277 7.01 -16.05 -2.77
CA ARG A 277 7.86 -16.86 -3.62
C ARG A 277 7.44 -18.31 -3.53
N SER A 278 7.20 -18.77 -2.30
CA SER A 278 6.74 -20.13 -2.04
C SER A 278 5.48 -20.47 -2.82
N LEU A 279 4.51 -19.56 -2.81
CA LEU A 279 3.27 -19.71 -3.54
C LEU A 279 3.52 -19.74 -5.04
N SER A 280 4.25 -18.73 -5.51
CA SER A 280 4.44 -18.48 -6.94
C SER A 280 5.23 -19.58 -7.63
N PHE A 281 5.85 -20.44 -6.84
CA PHE A 281 6.68 -21.51 -7.38
C PHE A 281 5.91 -22.80 -7.57
N GLN A 282 4.71 -22.88 -7.00
CA GLN A 282 3.84 -24.02 -7.19
C GLN A 282 2.75 -23.64 -8.19
N PRO A 283 2.84 -24.17 -9.41
CA PRO A 283 1.93 -23.76 -10.50
C PRO A 283 0.46 -23.89 -10.13
N GLU A 284 0.11 -24.88 -9.33
CA GLU A 284 -1.29 -25.07 -8.94
C GLU A 284 -1.78 -23.89 -8.12
N HIS A 285 -0.87 -23.25 -7.39
CA HIS A 285 -1.22 -22.08 -6.62
C HIS A 285 -1.03 -20.81 -7.46
N SER A 286 0.07 -20.75 -8.20
CA SER A 286 0.36 -19.58 -9.02
C SER A 286 -0.74 -19.33 -10.06
N MET A 287 -1.38 -20.40 -10.51
CA MET A 287 -2.43 -20.28 -11.52
C MET A 287 -3.66 -19.55 -10.99
N GLN A 288 -3.73 -19.41 -9.66
CA GLN A 288 -4.87 -18.75 -9.01
C GLN A 288 -4.65 -17.25 -8.97
N LEU A 289 -3.41 -16.82 -9.19
CA LEU A 289 -3.08 -15.41 -9.14
C LEU A 289 -3.63 -14.71 -10.38
N THR A 290 -3.41 -13.41 -10.47
CA THR A 290 -3.80 -12.66 -11.67
C THR A 290 -2.56 -12.23 -12.43
N PRO A 291 -2.71 -11.97 -13.74
CA PRO A 291 -1.56 -11.49 -14.51
C PRO A 291 -0.90 -10.26 -13.89
N LEU A 292 -1.70 -9.34 -13.35
CA LEU A 292 -1.14 -8.13 -12.70
C LEU A 292 -0.30 -8.50 -11.48
N VAL A 293 -0.89 -9.26 -10.57
CA VAL A 293 -0.19 -9.70 -9.36
C VAL A 293 1.12 -10.38 -9.72
N LEU A 294 1.05 -11.30 -10.67
CA LEU A 294 2.21 -12.07 -11.09
C LEU A 294 3.29 -11.18 -11.67
N GLU A 295 2.89 -10.11 -12.35
CA GLU A 295 3.84 -9.19 -12.97
C GLU A 295 4.43 -8.22 -11.96
N VAL A 296 3.64 -7.82 -10.97
CA VAL A 296 4.09 -6.86 -9.98
C VAL A 296 4.98 -7.49 -8.90
N PHE A 297 4.63 -8.71 -8.51
CA PHE A 297 5.38 -9.41 -7.48
C PHE A 297 6.40 -10.38 -8.07
N GLY A 298 6.47 -10.42 -9.39
CA GLY A 298 7.42 -11.25 -10.10
C GLY A 298 8.79 -10.58 -10.22
N SER A 299 9.81 -11.40 -10.42
CA SER A 299 11.19 -10.89 -10.44
C SER A 299 11.65 -10.52 -11.84
N GLU A 300 10.81 -10.76 -12.84
CA GLU A 300 11.13 -10.38 -14.20
C GLU A 300 11.72 -8.97 -14.17
N VAL A 301 12.95 -8.85 -14.66
CA VAL A 301 13.71 -7.63 -14.48
C VAL A 301 13.97 -6.85 -15.78
N SER A 302 13.61 -5.57 -15.75
CA SER A 302 13.79 -4.68 -16.88
C SER A 302 13.94 -3.23 -16.43
N LYS B 1 10.19 -7.10 -19.06
CA LYS B 1 9.04 -6.57 -19.78
C LYS B 1 7.81 -6.54 -18.89
N HIS B 2 7.22 -5.36 -18.72
CA HIS B 2 6.06 -5.20 -17.86
C HIS B 2 4.85 -4.68 -18.64
N LYS B 3 4.36 -5.51 -19.56
CA LYS B 3 3.24 -5.14 -20.43
C LYS B 3 2.15 -4.38 -19.68
N ILE B 4 1.60 -5.02 -18.65
CA ILE B 4 0.45 -4.49 -17.95
C ILE B 4 0.75 -3.21 -17.16
N LEU B 5 1.79 -3.24 -16.33
CA LEU B 5 2.19 -2.06 -15.57
C LEU B 5 2.43 -0.88 -16.49
N HIS B 6 3.18 -1.09 -17.56
CA HIS B 6 3.47 0.00 -18.49
C HIS B 6 2.17 0.53 -19.09
N ARG B 7 1.25 -0.38 -19.38
CA ARG B 7 -0.05 -0.01 -19.92
C ARG B 7 -0.82 0.83 -18.92
N LEU B 8 -0.95 0.33 -17.69
CA LEU B 8 -1.72 0.99 -16.64
C LEU B 8 -1.12 2.32 -16.21
N LEU B 9 0.19 2.46 -16.37
CA LEU B 9 0.84 3.73 -16.05
C LEU B 9 0.55 4.75 -17.13
N GLN B 10 -0.49 4.47 -17.90
CA GLN B 10 -0.83 5.26 -19.07
C GLN B 10 0.24 5.06 -20.15
#